data_3C4A
#
_entry.id   3C4A
#
_cell.length_a   89.179
_cell.length_b   97.725
_cell.length_c   40.605
_cell.angle_alpha   90.00
_cell.angle_beta   90.00
_cell.angle_gamma   90.00
#
_symmetry.space_group_name_H-M   'P 21 21 2'
#
loop_
_entity.id
_entity.type
_entity.pdbx_description
1 polymer 'Probable tryptophan hydroxylase vioD'
2 non-polymer 'FLAVIN-ADENINE DINUCLEOTIDE'
3 water water
#
_entity_poly.entity_id   1
_entity_poly.type   'polypeptide(L)'
_entity_poly.pdbx_seq_one_letter_code
;(MSE)KILVIGAGPAGLVFASQLKQARPLWAIDIVEKNDEQEVLGWGVVLPGRPGQHPANPLSYLDAPERLNPQFLEDFK
LVHHNEPSL(MSE)STGVLLCGVERRGLVHALRDKCRSQGIAIRFESPLLEHGELPLADYDLVVLANGVNHKTAHFTEAL
VPQVDYGRNKYIWYGTSQLFDQ(MSE)NLVFRTHGKDIFIAHAYKYSDT(MSE)STFIVECSEETYARARLGE(MSE)SE
EASAEYVAKVFQAELGGHGLVSQPGLGWRNF(MSE)TLSHDRCHDGKLVLLGDALQSGHFSIGHGTT(MSE)AVVVAQLL
VKALCTEDGVPAALKRFEERALPLVQLFRGHADNSRVWFETVEER(MSE)HLSSAEFVQSFDARRKSLPP(MSE)PEALA
QNLRYALQRLEHHHHHH
;
_entity_poly.pdbx_strand_id   A
#
loop_
_chem_comp.id
_chem_comp.type
_chem_comp.name
_chem_comp.formula
FAD non-polymer 'FLAVIN-ADENINE DINUCLEOTIDE' 'C27 H33 N9 O15 P2'
#
# COMPACT_ATOMS: atom_id res chain seq x y z
N MSE A 1 27.97 11.19 -0.90
CA MSE A 1 27.49 9.83 -0.49
C MSE A 1 26.85 9.11 -1.66
O MSE A 1 26.34 9.73 -2.59
CB MSE A 1 26.49 9.97 0.67
CG MSE A 1 26.17 8.65 1.36
SE MSE A 1 25.12 8.89 3.00
CE MSE A 1 26.58 9.25 4.25
N LYS A 2 26.88 7.77 -1.63
CA LYS A 2 26.31 6.97 -2.70
C LYS A 2 25.24 6.01 -2.21
N ILE A 3 24.01 6.25 -2.65
CA ILE A 3 22.88 5.42 -2.25
C ILE A 3 22.20 4.71 -3.41
N LEU A 4 21.98 3.42 -3.26
CA LEU A 4 21.31 2.63 -4.28
C LEU A 4 19.92 2.24 -3.77
N VAL A 5 18.90 2.50 -4.58
CA VAL A 5 17.55 2.14 -4.18
C VAL A 5 17.02 1.03 -5.08
N ILE A 6 16.66 -0.10 -4.48
CA ILE A 6 16.14 -1.20 -5.27
C ILE A 6 14.61 -1.13 -5.18
N GLY A 7 13.96 -0.65 -6.24
CA GLY A 7 12.51 -0.54 -6.22
C GLY A 7 12.01 0.86 -6.58
N ALA A 8 11.31 0.97 -7.70
CA ALA A 8 10.81 2.29 -8.09
C ALA A 8 9.32 2.39 -7.81
N GLY A 9 8.96 2.11 -6.55
CA GLY A 9 7.57 2.19 -6.13
C GLY A 9 7.43 3.39 -5.18
N PRO A 10 6.26 3.60 -4.57
CA PRO A 10 6.09 4.74 -3.66
C PRO A 10 7.18 4.89 -2.62
N ALA A 11 7.43 3.85 -1.83
CA ALA A 11 8.47 3.96 -0.80
C ALA A 11 9.81 4.34 -1.39
N GLY A 12 10.25 3.59 -2.39
CA GLY A 12 11.52 3.89 -3.01
C GLY A 12 11.63 5.29 -3.59
N LEU A 13 10.60 5.71 -4.32
CA LEU A 13 10.60 7.02 -4.95
C LEU A 13 10.53 8.18 -3.97
N VAL A 14 9.60 8.11 -3.01
CA VAL A 14 9.44 9.18 -2.02
C VAL A 14 10.76 9.37 -1.27
N PHE A 15 11.47 8.27 -1.01
CA PHE A 15 12.74 8.37 -0.33
C PHE A 15 13.76 9.06 -1.21
N ALA A 16 13.86 8.62 -2.46
CA ALA A 16 14.83 9.16 -3.39
C ALA A 16 14.69 10.66 -3.54
N SER A 17 13.48 11.08 -3.91
CA SER A 17 13.17 12.49 -4.11
C SER A 17 13.43 13.29 -2.83
N GLN A 18 12.84 12.85 -1.72
CA GLN A 18 13.03 13.54 -0.46
C GLN A 18 14.51 13.78 -0.13
N LEU A 19 15.31 12.74 -0.31
CA LEU A 19 16.74 12.82 -0.02
C LEU A 19 17.51 13.68 -1.03
N LYS A 20 17.20 13.53 -2.31
CA LYS A 20 17.88 14.29 -3.35
C LYS A 20 17.64 15.78 -3.14
N GLN A 21 16.40 16.13 -2.87
CA GLN A 21 16.04 17.54 -2.64
C GLN A 21 16.85 18.19 -1.52
N ALA A 22 17.09 17.42 -0.46
CA ALA A 22 17.86 17.88 0.70
C ALA A 22 19.36 17.74 0.48
N ARG A 23 19.76 16.69 -0.23
CA ARG A 23 21.17 16.43 -0.49
C ARG A 23 21.48 16.19 -1.99
N PRO A 24 21.35 17.24 -2.82
CA PRO A 24 21.58 17.25 -4.27
C PRO A 24 22.91 16.65 -4.72
N LEU A 25 23.95 16.91 -3.95
CA LEU A 25 25.27 16.42 -4.30
C LEU A 25 25.40 14.93 -4.08
N TRP A 26 24.61 14.38 -3.17
CA TRP A 26 24.67 12.94 -2.92
C TRP A 26 24.30 12.20 -4.20
N ALA A 27 24.93 11.06 -4.42
CA ALA A 27 24.61 10.28 -5.62
C ALA A 27 23.53 9.29 -5.27
N ILE A 28 22.41 9.37 -5.98
CA ILE A 28 21.29 8.46 -5.73
C ILE A 28 20.74 7.85 -7.01
N ASP A 29 20.82 6.53 -7.10
CA ASP A 29 20.32 5.84 -8.27
C ASP A 29 19.33 4.76 -7.87
N ILE A 30 18.41 4.48 -8.77
CA ILE A 30 17.38 3.48 -8.52
C ILE A 30 17.29 2.41 -9.61
N VAL A 31 16.99 1.18 -9.22
CA VAL A 31 16.80 0.12 -10.21
C VAL A 31 15.40 -0.42 -10.05
N GLU A 32 14.72 -0.58 -11.17
CA GLU A 32 13.36 -1.08 -11.18
C GLU A 32 13.36 -2.40 -11.95
N LYS A 33 12.56 -3.34 -11.47
CA LYS A 33 12.47 -4.64 -12.08
C LYS A 33 11.68 -4.60 -13.39
N ASN A 34 10.49 -4.01 -13.32
CA ASN A 34 9.61 -3.92 -14.46
C ASN A 34 10.01 -2.88 -15.50
N ASP A 35 9.21 -2.79 -16.54
CA ASP A 35 9.41 -1.84 -17.61
C ASP A 35 8.85 -0.50 -17.14
N GLU A 36 9.03 0.55 -17.93
CA GLU A 36 8.52 1.88 -17.58
C GLU A 36 7.01 2.00 -17.39
N GLN A 37 6.24 1.41 -18.28
CA GLN A 37 4.79 1.50 -18.18
C GLN A 37 4.17 0.21 -17.64
N GLU A 38 4.74 -0.34 -16.58
CA GLU A 38 4.24 -1.57 -15.98
C GLU A 38 3.99 -1.41 -14.49
N VAL A 39 2.90 -0.75 -14.12
CA VAL A 39 2.57 -0.58 -12.70
C VAL A 39 1.33 -1.40 -12.41
N LEU A 40 1.35 -2.15 -11.32
CA LEU A 40 0.22 -2.98 -10.94
C LEU A 40 -0.69 -2.27 -9.95
N GLY A 41 -1.96 -2.67 -9.96
CA GLY A 41 -2.95 -2.07 -9.07
C GLY A 41 -3.90 -1.18 -9.85
N TRP A 42 -4.97 -0.75 -9.19
CA TRP A 42 -5.92 0.14 -9.84
C TRP A 42 -5.88 1.53 -9.19
N GLY A 43 -6.60 1.72 -8.08
CA GLY A 43 -6.57 3.02 -7.43
C GLY A 43 -6.32 2.86 -5.94
N VAL A 44 -5.75 3.87 -5.31
CA VAL A 44 -5.50 3.80 -3.88
C VAL A 44 -6.07 5.02 -3.20
N VAL A 45 -6.44 4.87 -1.94
CA VAL A 45 -6.95 5.98 -1.16
C VAL A 45 -5.79 6.48 -0.31
N LEU A 46 -5.69 7.81 -0.22
CA LEU A 46 -4.62 8.48 0.51
C LEU A 46 -5.21 9.52 1.48
N PRO A 47 -4.46 9.87 2.56
CA PRO A 47 -4.90 10.85 3.57
C PRO A 47 -4.82 12.32 3.15
N GLY A 48 -5.85 13.08 3.51
CA GLY A 48 -5.86 14.51 3.21
C GLY A 48 -5.86 15.02 1.78
N ARG A 49 -5.67 16.33 1.67
CA ARG A 49 -5.67 17.00 0.40
C ARG A 49 -4.23 17.22 -0.05
N PRO A 50 -3.93 16.90 -1.32
CA PRO A 50 -2.56 17.09 -1.82
C PRO A 50 -2.07 18.51 -1.64
N GLY A 51 -0.92 18.66 -0.99
CA GLY A 51 -0.36 19.98 -0.79
C GLY A 51 -0.60 20.46 0.63
N GLN A 52 -1.60 19.87 1.28
CA GLN A 52 -1.95 20.25 2.64
C GLN A 52 -1.64 19.16 3.66
N HIS A 53 -1.54 17.92 3.21
CA HIS A 53 -1.24 16.83 4.13
C HIS A 53 0.16 16.28 3.85
N PRO A 54 1.06 16.35 4.85
CA PRO A 54 2.42 15.85 4.66
C PRO A 54 2.56 14.35 4.45
N ALA A 55 1.55 13.58 4.84
CA ALA A 55 1.62 12.14 4.67
C ALA A 55 1.27 11.72 3.23
N ASN A 56 0.47 12.50 2.52
CA ASN A 56 0.11 12.13 1.17
C ASN A 56 1.22 12.31 0.12
N PRO A 57 1.51 11.26 -0.67
CA PRO A 57 2.56 11.34 -1.69
C PRO A 57 2.29 12.40 -2.77
N LEU A 58 1.02 12.72 -3.00
CA LEU A 58 0.66 13.71 -4.02
C LEU A 58 1.18 15.11 -3.64
N SER A 59 1.47 15.32 -2.36
CA SER A 59 1.97 16.60 -1.85
C SER A 59 3.41 16.85 -2.26
N TYR A 60 4.05 15.87 -2.86
CA TYR A 60 5.42 16.07 -3.27
C TYR A 60 5.52 16.23 -4.77
N LEU A 61 4.40 16.50 -5.41
CA LEU A 61 4.41 16.68 -6.87
C LEU A 61 4.24 18.14 -7.26
N ASP A 62 4.85 18.52 -8.38
CA ASP A 62 4.79 19.87 -8.90
C ASP A 62 3.36 20.23 -9.30
N ALA A 63 2.58 19.22 -9.71
CA ALA A 63 1.19 19.46 -10.10
C ALA A 63 0.33 18.22 -9.90
N PRO A 64 -0.12 17.98 -8.66
CA PRO A 64 -0.95 16.81 -8.34
C PRO A 64 -2.32 16.85 -8.98
N GLU A 65 -2.89 18.05 -9.14
CA GLU A 65 -4.22 18.16 -9.74
C GLU A 65 -4.26 17.46 -11.08
N ARG A 66 -3.10 17.36 -11.72
CA ARG A 66 -2.96 16.70 -13.02
C ARG A 66 -3.54 15.28 -13.01
N LEU A 67 -3.29 14.52 -11.94
CA LEU A 67 -3.76 13.15 -11.83
C LEU A 67 -5.25 13.00 -11.54
N ASN A 68 -5.95 14.12 -11.42
CA ASN A 68 -7.38 14.13 -11.16
C ASN A 68 -7.78 13.33 -9.91
N PRO A 69 -7.29 13.76 -8.74
CA PRO A 69 -7.58 13.10 -7.46
C PRO A 69 -9.08 13.24 -7.14
N GLN A 70 -9.66 12.20 -6.56
CA GLN A 70 -11.08 12.19 -6.19
C GLN A 70 -11.19 12.25 -4.68
N PHE A 71 -11.91 13.25 -4.16
CA PHE A 71 -12.02 13.40 -2.73
C PHE A 71 -13.26 12.74 -2.14
N LEU A 72 -13.05 11.80 -1.21
CA LEU A 72 -14.18 11.11 -0.61
C LEU A 72 -14.30 11.52 0.87
N GLU A 73 -15.50 11.93 1.26
CA GLU A 73 -15.71 12.38 2.63
C GLU A 73 -16.66 11.50 3.41
N ASP A 74 -17.39 10.65 2.68
CA ASP A 74 -18.36 9.76 3.29
C ASP A 74 -18.03 8.28 3.18
N PHE A 75 -18.62 7.51 4.09
CA PHE A 75 -18.45 6.06 4.16
C PHE A 75 -19.80 5.35 4.26
N LYS A 76 -20.11 4.51 3.28
CA LYS A 76 -21.36 3.77 3.30
C LYS A 76 -21.14 2.30 3.57
N LEU A 77 -21.91 1.77 4.51
CA LEU A 77 -21.82 0.36 4.88
C LEU A 77 -23.14 -0.33 4.57
N VAL A 78 -23.09 -1.32 3.69
CA VAL A 78 -24.28 -2.06 3.33
C VAL A 78 -24.24 -3.41 4.04
N HIS A 79 -25.26 -3.66 4.86
CA HIS A 79 -25.34 -4.91 5.62
C HIS A 79 -26.78 -5.40 5.58
N HIS A 80 -26.98 -6.58 5.00
CA HIS A 80 -28.30 -7.16 4.86
C HIS A 80 -29.13 -6.38 3.85
N ASN A 81 -28.48 -5.93 2.78
CA ASN A 81 -29.17 -5.19 1.74
C ASN A 81 -29.73 -3.88 2.24
N GLU A 82 -28.96 -3.18 3.06
CA GLU A 82 -29.42 -1.90 3.58
C GLU A 82 -28.25 -1.11 4.13
N PRO A 83 -28.05 0.12 3.62
CA PRO A 83 -26.98 1.03 4.02
C PRO A 83 -27.10 1.44 5.48
N SER A 84 -26.51 0.64 6.36
CA SER A 84 -26.55 0.88 7.80
C SER A 84 -26.45 2.36 8.09
N LEU A 85 -25.59 3.05 7.35
CA LEU A 85 -25.43 4.47 7.57
C LEU A 85 -24.46 5.03 6.57
N MSE A 86 -24.09 6.29 6.77
CA MSE A 86 -23.16 6.99 5.91
C MSE A 86 -22.18 7.74 6.80
O MSE A 86 -21.73 8.84 6.46
CB MSE A 86 -23.89 7.97 5.01
CG MSE A 86 -24.89 7.36 4.06
SE MSE A 86 -25.57 8.68 2.78
CE MSE A 86 -26.78 9.67 3.94
N SER A 87 -21.89 7.14 7.95
CA SER A 87 -20.97 7.73 8.92
C SER A 87 -19.73 8.28 8.22
N THR A 88 -19.74 9.58 7.93
CA THR A 88 -18.63 10.23 7.27
C THR A 88 -17.39 10.20 8.15
N GLY A 89 -16.24 9.92 7.55
CA GLY A 89 -15.02 9.88 8.32
C GLY A 89 -14.30 11.21 8.18
N VAL A 90 -13.09 11.15 7.65
CA VAL A 90 -12.27 12.33 7.43
C VAL A 90 -12.12 12.54 5.92
N LEU A 91 -11.19 13.40 5.52
CA LEU A 91 -10.99 13.68 4.09
C LEU A 91 -9.95 12.78 3.46
N LEU A 92 -10.39 11.92 2.55
CA LEU A 92 -9.50 10.99 1.86
C LEU A 92 -9.59 11.23 0.35
N CYS A 93 -8.47 11.13 -0.34
CA CYS A 93 -8.52 11.30 -1.78
C CYS A 93 -8.03 10.06 -2.49
N GLY A 94 -8.69 9.74 -3.61
CA GLY A 94 -8.33 8.56 -4.37
C GLY A 94 -7.65 9.00 -5.64
N VAL A 95 -6.76 8.15 -6.14
CA VAL A 95 -6.06 8.48 -7.35
C VAL A 95 -5.51 7.21 -7.94
N GLU A 96 -5.19 7.26 -9.23
CA GLU A 96 -4.66 6.10 -9.96
C GLU A 96 -3.23 5.72 -9.51
N ARG A 97 -3.02 4.44 -9.25
CA ARG A 97 -1.71 3.92 -8.85
C ARG A 97 -0.68 4.24 -9.93
N ARG A 98 -0.93 3.74 -11.13
CA ARG A 98 -0.05 3.98 -12.26
C ARG A 98 0.33 5.46 -12.34
N GLY A 99 -0.69 6.32 -12.38
CA GLY A 99 -0.47 7.75 -12.47
C GLY A 99 0.40 8.30 -11.37
N LEU A 100 0.17 7.81 -10.16
CA LEU A 100 0.94 8.25 -9.01
C LEU A 100 2.40 7.84 -9.19
N VAL A 101 2.62 6.54 -9.42
CA VAL A 101 3.96 6.00 -9.61
C VAL A 101 4.72 6.70 -10.75
N HIS A 102 4.01 6.94 -11.86
CA HIS A 102 4.62 7.61 -13.04
C HIS A 102 5.04 9.03 -12.70
N ALA A 103 4.18 9.75 -11.99
CA ALA A 103 4.49 11.13 -11.62
C ALA A 103 5.72 11.15 -10.72
N LEU A 104 5.69 10.37 -9.65
CA LEU A 104 6.82 10.28 -8.73
C LEU A 104 8.12 9.92 -9.46
N ARG A 105 8.01 9.10 -10.50
CA ARG A 105 9.18 8.71 -11.28
C ARG A 105 9.67 9.89 -12.10
N ASP A 106 8.76 10.66 -12.67
CA ASP A 106 9.18 11.81 -13.45
C ASP A 106 9.83 12.84 -12.57
N LYS A 107 9.35 12.94 -11.33
CA LYS A 107 9.89 13.91 -10.36
C LYS A 107 11.33 13.54 -10.02
N CYS A 108 11.57 12.27 -9.67
CA CYS A 108 12.92 11.84 -9.35
C CYS A 108 13.85 12.14 -10.51
N ARG A 109 13.44 11.82 -11.73
CA ARG A 109 14.30 12.08 -12.89
C ARG A 109 14.55 13.56 -13.11
N SER A 110 13.54 14.39 -12.90
CA SER A 110 13.71 15.82 -13.09
C SER A 110 14.66 16.37 -12.02
N GLN A 111 14.94 15.55 -11.00
CA GLN A 111 15.85 15.96 -9.93
C GLN A 111 17.24 15.40 -10.12
N GLY A 112 17.43 14.61 -11.18
CA GLY A 112 18.74 14.04 -11.44
C GLY A 112 18.96 12.63 -10.90
N ILE A 113 17.88 11.98 -10.47
CA ILE A 113 17.95 10.62 -9.95
C ILE A 113 17.73 9.67 -11.11
N ALA A 114 18.73 8.86 -11.41
CA ALA A 114 18.65 7.90 -12.50
C ALA A 114 17.86 6.66 -12.11
N ILE A 115 17.04 6.18 -13.03
CA ILE A 115 16.25 4.98 -12.77
C ILE A 115 16.43 4.00 -13.92
N ARG A 116 16.94 2.82 -13.61
CA ARG A 116 17.17 1.79 -14.62
C ARG A 116 16.11 0.69 -14.56
N PHE A 117 15.14 0.78 -15.46
CA PHE A 117 14.05 -0.19 -15.53
C PHE A 117 14.51 -1.54 -16.09
N GLU A 118 13.68 -2.57 -15.92
CA GLU A 118 13.98 -3.92 -16.41
C GLU A 118 15.33 -4.40 -15.88
N SER A 119 15.68 -3.92 -14.70
CA SER A 119 16.95 -4.28 -14.08
C SER A 119 16.71 -4.81 -12.67
N PRO A 120 16.02 -5.95 -12.56
CA PRO A 120 15.74 -6.57 -11.26
C PRO A 120 17.00 -7.00 -10.55
N LEU A 121 16.92 -7.09 -9.23
CA LEU A 121 18.04 -7.50 -8.38
C LEU A 121 17.50 -8.54 -7.40
N LEU A 122 17.86 -9.81 -7.60
CA LEU A 122 17.37 -10.88 -6.72
C LEU A 122 18.44 -11.52 -5.84
N GLU A 123 19.51 -12.01 -6.46
CA GLU A 123 20.60 -12.68 -5.75
C GLU A 123 21.40 -11.69 -4.88
N HIS A 124 21.92 -12.17 -3.74
CA HIS A 124 22.71 -11.33 -2.86
C HIS A 124 24.07 -11.04 -3.50
N GLY A 125 24.42 -11.87 -4.48
CA GLY A 125 25.68 -11.70 -5.17
C GLY A 125 25.57 -10.64 -6.24
N GLU A 126 24.38 -10.07 -6.37
CA GLU A 126 24.15 -9.02 -7.35
C GLU A 126 24.28 -7.64 -6.68
N LEU A 127 24.42 -7.63 -5.36
CA LEU A 127 24.55 -6.37 -4.61
C LEU A 127 25.93 -5.74 -4.70
N PRO A 128 26.05 -4.65 -5.47
CA PRO A 128 27.34 -3.96 -5.61
C PRO A 128 27.69 -3.18 -4.35
N LEU A 129 27.52 -3.84 -3.20
CA LEU A 129 27.81 -3.24 -1.90
C LEU A 129 29.09 -2.43 -1.86
N ALA A 130 30.16 -2.97 -2.42
CA ALA A 130 31.43 -2.25 -2.40
C ALA A 130 31.40 -0.94 -3.21
N ASP A 131 30.30 -0.68 -3.91
CA ASP A 131 30.19 0.56 -4.70
C ASP A 131 29.15 1.56 -4.19
N TYR A 132 28.61 1.31 -3.00
CA TYR A 132 27.59 2.19 -2.40
C TYR A 132 27.72 2.28 -0.90
N ASP A 133 27.25 3.38 -0.33
CA ASP A 133 27.33 3.59 1.11
C ASP A 133 26.06 3.09 1.79
N LEU A 134 25.00 2.97 1.00
CA LEU A 134 23.73 2.54 1.51
C LEU A 134 22.93 1.87 0.41
N VAL A 135 22.22 0.81 0.78
CA VAL A 135 21.38 0.10 -0.16
C VAL A 135 20.00 0.05 0.51
N VAL A 136 19.03 0.69 -0.14
CA VAL A 136 17.65 0.76 0.33
C VAL A 136 16.81 -0.31 -0.37
N LEU A 137 16.21 -1.20 0.43
CA LEU A 137 15.36 -2.27 -0.10
C LEU A 137 13.92 -1.84 -0.02
N ALA A 138 13.35 -1.47 -1.16
CA ALA A 138 11.96 -1.02 -1.20
C ALA A 138 11.34 -1.71 -2.39
N ASN A 139 11.48 -3.03 -2.41
CA ASN A 139 11.01 -3.86 -3.49
C ASN A 139 9.67 -4.54 -3.24
N GLY A 140 8.87 -3.92 -2.37
CA GLY A 140 7.55 -4.43 -2.03
C GLY A 140 7.55 -5.84 -1.47
N VAL A 141 6.42 -6.50 -1.65
CA VAL A 141 6.24 -7.86 -1.17
C VAL A 141 7.20 -8.86 -1.81
N ASN A 142 7.92 -8.45 -2.84
CA ASN A 142 8.86 -9.35 -3.51
C ASN A 142 10.01 -9.69 -2.56
N HIS A 143 10.15 -8.84 -1.55
CA HIS A 143 11.17 -8.98 -0.52
C HIS A 143 11.14 -10.40 0.08
N LYS A 144 9.95 -10.99 0.10
CA LYS A 144 9.72 -12.33 0.62
C LYS A 144 10.57 -13.39 -0.08
N THR A 145 10.75 -13.24 -1.39
CA THR A 145 11.53 -14.18 -2.18
C THR A 145 12.94 -13.64 -2.44
N ALA A 146 13.17 -12.40 -2.04
CA ALA A 146 14.47 -11.79 -2.24
C ALA A 146 14.81 -10.94 -1.02
N HIS A 147 15.25 -11.60 0.04
CA HIS A 147 15.61 -10.90 1.27
C HIS A 147 17.13 -10.68 1.41
N PHE A 148 17.88 -11.21 0.45
CA PHE A 148 19.34 -11.06 0.39
C PHE A 148 20.17 -11.62 1.55
N THR A 149 19.59 -11.63 2.75
CA THR A 149 20.29 -12.13 3.93
C THR A 149 19.34 -12.70 4.96
N GLU A 150 19.72 -13.85 5.51
CA GLU A 150 18.94 -14.55 6.51
C GLU A 150 18.53 -13.63 7.65
N ALA A 151 19.39 -12.67 7.99
CA ALA A 151 19.11 -11.75 9.08
C ALA A 151 18.00 -10.76 8.69
N LEU A 152 17.54 -10.84 7.45
CA LEU A 152 16.50 -9.93 6.98
C LEU A 152 15.29 -10.67 6.40
N VAL A 153 15.17 -11.96 6.73
CA VAL A 153 14.03 -12.74 6.25
C VAL A 153 12.76 -12.26 6.95
N PRO A 154 11.65 -12.11 6.21
CA PRO A 154 10.36 -11.65 6.76
C PRO A 154 9.74 -12.69 7.68
N GLN A 155 8.59 -12.38 8.27
CA GLN A 155 7.92 -13.33 9.15
C GLN A 155 6.92 -14.08 8.28
N VAL A 156 6.29 -13.35 7.36
CA VAL A 156 5.31 -13.90 6.42
C VAL A 156 4.09 -14.56 7.08
N ASP A 157 2.93 -13.92 6.90
CA ASP A 157 1.67 -14.43 7.44
C ASP A 157 0.63 -14.35 6.33
N TYR A 158 0.07 -15.49 5.95
CA TYR A 158 -0.91 -15.51 4.88
C TYR A 158 -2.33 -15.34 5.40
N GLY A 159 -3.02 -14.31 4.89
CA GLY A 159 -4.38 -14.03 5.30
C GLY A 159 -5.27 -15.25 5.10
N ARG A 160 -6.29 -15.37 5.94
CA ARG A 160 -7.21 -16.49 5.87
C ARG A 160 -8.18 -16.44 4.68
N ASN A 161 -8.62 -15.27 4.27
CA ASN A 161 -9.52 -15.30 3.14
C ASN A 161 -8.88 -14.82 1.85
N LYS A 162 -9.54 -15.14 0.74
CA LYS A 162 -9.06 -14.79 -0.59
C LYS A 162 -9.57 -13.42 -1.01
N TYR A 163 -8.78 -12.74 -1.82
CA TYR A 163 -9.16 -11.44 -2.30
C TYR A 163 -8.58 -11.21 -3.68
N ILE A 164 -9.18 -10.25 -4.38
CA ILE A 164 -8.72 -9.87 -5.70
C ILE A 164 -9.00 -8.36 -5.87
N TRP A 165 -8.12 -7.69 -6.59
CA TRP A 165 -8.22 -6.24 -6.83
C TRP A 165 -8.84 -5.93 -8.19
N TYR A 166 -10.14 -5.66 -8.19
CA TYR A 166 -10.84 -5.35 -9.44
C TYR A 166 -10.95 -3.85 -9.69
N GLY A 167 -11.20 -3.53 -10.95
CA GLY A 167 -11.38 -2.17 -11.39
C GLY A 167 -12.73 -2.11 -12.08
N THR A 168 -13.44 -0.99 -11.96
CA THR A 168 -14.74 -0.87 -12.59
C THR A 168 -15.15 0.54 -12.96
N SER A 169 -16.02 0.63 -13.96
CA SER A 169 -16.53 1.92 -14.44
C SER A 169 -17.60 2.48 -13.53
N GLN A 170 -18.19 1.62 -12.70
CA GLN A 170 -19.21 2.07 -11.76
C GLN A 170 -18.51 3.12 -10.90
N LEU A 171 -19.12 4.29 -10.79
CA LEU A 171 -18.54 5.36 -10.00
C LEU A 171 -19.08 5.39 -8.57
N PHE A 172 -18.21 5.07 -7.62
CA PHE A 172 -18.60 5.08 -6.22
C PHE A 172 -18.18 6.40 -5.60
N ASP A 173 -18.99 7.42 -5.82
CA ASP A 173 -18.69 8.75 -5.30
C ASP A 173 -18.39 8.70 -3.79
N GLN A 174 -18.82 7.65 -3.12
CA GLN A 174 -18.54 7.57 -1.70
C GLN A 174 -18.06 6.19 -1.31
N MSE A 175 -17.00 6.14 -0.51
CA MSE A 175 -16.47 4.86 -0.08
C MSE A 175 -17.55 4.02 0.54
O MSE A 175 -18.44 4.51 1.23
CB MSE A 175 -15.36 5.02 0.93
CG MSE A 175 -14.88 3.68 1.42
SE MSE A 175 -13.10 3.84 2.09
CE MSE A 175 -13.36 3.12 3.88
N ASN A 176 -17.46 2.72 0.29
CA ASN A 176 -18.46 1.83 0.85
C ASN A 176 -18.11 0.37 0.75
N LEU A 177 -18.05 -0.29 1.90
CA LEU A 177 -17.79 -1.71 1.94
C LEU A 177 -19.15 -2.36 2.03
N VAL A 178 -19.34 -3.40 1.22
CA VAL A 178 -20.59 -4.12 1.14
C VAL A 178 -20.44 -5.59 1.53
N PHE A 179 -21.48 -6.10 2.18
CA PHE A 179 -21.53 -7.50 2.59
C PHE A 179 -22.73 -8.07 1.87
N ARG A 180 -22.46 -8.89 0.87
CA ARG A 180 -23.50 -9.54 0.08
C ARG A 180 -23.41 -11.04 0.30
N THR A 181 -24.47 -11.62 0.83
CA THR A 181 -24.49 -13.06 1.05
C THR A 181 -25.15 -13.70 -0.16
N HIS A 182 -24.34 -14.35 -0.98
CA HIS A 182 -24.84 -15.02 -2.18
C HIS A 182 -24.89 -16.53 -1.93
N GLY A 183 -26.05 -16.99 -1.47
CA GLY A 183 -26.22 -18.40 -1.18
C GLY A 183 -25.67 -18.75 0.19
N LYS A 184 -24.69 -19.65 0.21
CA LYS A 184 -24.05 -20.09 1.44
C LYS A 184 -22.75 -19.31 1.57
N ASP A 185 -22.49 -18.46 0.58
CA ASP A 185 -21.24 -17.70 0.55
C ASP A 185 -21.35 -16.21 0.92
N ILE A 186 -20.34 -15.74 1.64
CA ILE A 186 -20.23 -14.35 2.07
C ILE A 186 -19.09 -13.62 1.34
N PHE A 187 -19.48 -12.63 0.55
CA PHE A 187 -18.55 -11.81 -0.25
C PHE A 187 -18.47 -10.38 0.28
N ILE A 188 -17.25 -9.88 0.43
CA ILE A 188 -17.02 -8.53 0.92
C ILE A 188 -16.34 -7.69 -0.14
N ALA A 189 -16.87 -6.49 -0.38
CA ALA A 189 -16.28 -5.61 -1.38
C ALA A 189 -15.92 -4.23 -0.82
N HIS A 190 -14.73 -3.74 -1.19
CA HIS A 190 -14.29 -2.43 -0.77
C HIS A 190 -14.25 -1.62 -2.07
N ALA A 191 -15.08 -0.59 -2.15
CA ALA A 191 -15.14 0.22 -3.36
C ALA A 191 -15.02 1.72 -3.12
N TYR A 192 -14.39 2.39 -4.08
CA TYR A 192 -14.21 3.83 -4.01
C TYR A 192 -13.67 4.32 -5.34
N LYS A 193 -14.08 5.53 -5.71
CA LYS A 193 -13.67 6.13 -6.97
C LYS A 193 -12.27 6.72 -6.87
N TYR A 194 -11.46 6.55 -7.91
CA TYR A 194 -10.12 7.12 -7.85
C TYR A 194 -9.84 8.05 -9.03
N SER A 195 -10.80 8.11 -9.95
CA SER A 195 -10.68 8.99 -11.11
C SER A 195 -12.07 9.40 -11.63
N ASP A 196 -12.10 10.16 -12.70
CA ASP A 196 -13.37 10.62 -13.23
C ASP A 196 -14.18 9.52 -13.93
N THR A 197 -13.56 8.37 -14.17
CA THR A 197 -14.21 7.25 -14.85
C THR A 197 -13.98 5.85 -14.26
N MSE A 198 -13.17 5.73 -13.20
CA MSE A 198 -12.88 4.43 -12.61
C MSE A 198 -12.97 4.36 -11.09
O MSE A 198 -12.70 5.34 -10.39
CB MSE A 198 -11.48 3.97 -12.99
CG MSE A 198 -11.22 3.79 -14.48
SE MSE A 198 -12.24 2.37 -15.25
CE MSE A 198 -11.08 0.86 -14.81
N SER A 199 -13.31 3.18 -10.59
CA SER A 199 -13.40 2.90 -9.16
C SER A 199 -12.65 1.61 -8.84
N THR A 200 -12.09 1.54 -7.64
CA THR A 200 -11.39 0.36 -7.16
C THR A 200 -12.46 -0.56 -6.60
N PHE A 201 -12.37 -1.87 -6.84
CA PHE A 201 -13.37 -2.79 -6.30
C PHE A 201 -12.62 -4.00 -5.75
N ILE A 202 -12.28 -3.94 -4.48
CA ILE A 202 -11.55 -5.02 -3.83
C ILE A 202 -12.55 -6.02 -3.28
N VAL A 203 -12.51 -7.25 -3.76
CA VAL A 203 -13.43 -8.26 -3.26
C VAL A 203 -12.67 -9.36 -2.51
N GLU A 204 -13.26 -9.84 -1.42
CA GLU A 204 -12.65 -10.92 -0.65
C GLU A 204 -13.71 -11.88 -0.11
N CYS A 205 -13.28 -13.08 0.27
CA CYS A 205 -14.19 -14.10 0.76
C CYS A 205 -13.38 -15.20 1.40
N SER A 206 -14.05 -16.17 2.00
CA SER A 206 -13.34 -17.26 2.64
C SER A 206 -12.81 -18.26 1.61
N GLU A 207 -11.94 -19.16 2.07
CA GLU A 207 -11.37 -20.20 1.25
C GLU A 207 -12.53 -21.10 0.79
N GLU A 208 -13.43 -21.43 1.72
CA GLU A 208 -14.58 -22.29 1.39
C GLU A 208 -15.36 -21.67 0.24
N THR A 209 -15.66 -20.38 0.34
CA THR A 209 -16.43 -19.73 -0.72
C THR A 209 -15.67 -19.77 -2.03
N TYR A 210 -14.40 -19.42 -1.99
CA TYR A 210 -13.56 -19.44 -3.19
C TYR A 210 -13.61 -20.82 -3.87
N ALA A 211 -13.65 -21.88 -3.08
CA ALA A 211 -13.70 -23.25 -3.61
C ALA A 211 -15.05 -23.64 -4.21
N ARG A 212 -16.15 -23.21 -3.56
CA ARG A 212 -17.50 -23.49 -4.02
C ARG A 212 -17.79 -22.85 -5.37
N ALA A 213 -17.50 -21.56 -5.46
CA ALA A 213 -17.74 -20.79 -6.68
C ALA A 213 -16.68 -21.04 -7.73
N ARG A 214 -15.66 -21.80 -7.36
CA ARG A 214 -14.59 -22.11 -8.29
C ARG A 214 -13.97 -20.89 -8.94
N LEU A 215 -13.84 -19.80 -8.18
CA LEU A 215 -13.28 -18.57 -8.73
C LEU A 215 -11.87 -18.77 -9.29
N GLY A 216 -11.17 -19.76 -8.74
CA GLY A 216 -9.82 -20.04 -9.19
C GLY A 216 -9.72 -20.94 -10.41
N GLU A 217 -10.55 -21.97 -10.48
CA GLU A 217 -10.54 -22.89 -11.61
C GLU A 217 -11.37 -22.36 -12.77
N MSE A 218 -11.73 -21.09 -12.68
CA MSE A 218 -12.55 -20.48 -13.70
C MSE A 218 -11.74 -19.45 -14.48
O MSE A 218 -10.63 -19.10 -14.08
CB MSE A 218 -13.75 -19.84 -13.03
CG MSE A 218 -14.93 -19.52 -13.89
SE MSE A 218 -16.43 -19.44 -12.66
CE MSE A 218 -15.82 -18.02 -11.52
N SER A 219 -12.31 -18.96 -15.57
CA SER A 219 -11.67 -17.95 -16.41
C SER A 219 -11.66 -16.57 -15.76
N GLU A 220 -10.56 -15.82 -15.92
CA GLU A 220 -10.46 -14.49 -15.32
C GLU A 220 -11.70 -13.63 -15.60
N GLU A 221 -12.11 -13.60 -16.86
CA GLU A 221 -13.29 -12.83 -17.21
C GLU A 221 -14.52 -13.51 -16.60
N ALA A 222 -14.51 -14.84 -16.56
CA ALA A 222 -15.64 -15.60 -16.01
C ALA A 222 -15.85 -15.37 -14.52
N SER A 223 -14.74 -15.25 -13.78
CA SER A 223 -14.81 -15.01 -12.33
C SER A 223 -15.37 -13.61 -12.10
N ALA A 224 -14.83 -12.66 -12.85
CA ALA A 224 -15.25 -11.28 -12.73
C ALA A 224 -16.77 -11.13 -12.90
N GLU A 225 -17.32 -11.62 -14.00
CA GLU A 225 -18.76 -11.49 -14.18
C GLU A 225 -19.51 -12.16 -13.04
N TYR A 226 -19.01 -13.30 -12.60
CA TYR A 226 -19.64 -14.03 -11.51
C TYR A 226 -19.73 -13.13 -10.27
N VAL A 227 -18.62 -12.47 -9.94
CA VAL A 227 -18.56 -11.56 -8.80
C VAL A 227 -19.38 -10.31 -9.12
N ALA A 228 -19.44 -9.96 -10.40
CA ALA A 228 -20.17 -8.80 -10.85
C ALA A 228 -21.67 -9.01 -10.71
N LYS A 229 -22.10 -10.25 -10.87
CA LYS A 229 -23.50 -10.64 -10.77
C LYS A 229 -23.93 -10.58 -9.30
N VAL A 230 -23.05 -11.01 -8.40
CA VAL A 230 -23.34 -11.01 -6.97
C VAL A 230 -23.49 -9.59 -6.44
N PHE A 231 -22.79 -8.65 -7.07
CA PHE A 231 -22.87 -7.26 -6.66
C PHE A 231 -23.53 -6.39 -7.73
N GLN A 232 -24.30 -6.97 -8.64
CA GLN A 232 -24.94 -6.16 -9.68
C GLN A 232 -25.74 -5.00 -9.09
N ALA A 233 -26.21 -5.17 -7.87
CA ALA A 233 -26.98 -4.14 -7.20
C ALA A 233 -26.13 -2.88 -6.96
N GLU A 234 -24.88 -3.07 -6.57
CA GLU A 234 -24.00 -1.96 -6.30
C GLU A 234 -23.27 -1.43 -7.55
N LEU A 235 -22.88 -2.32 -8.44
CA LEU A 235 -22.13 -1.94 -9.64
C LEU A 235 -23.03 -1.46 -10.77
N GLY A 236 -24.34 -1.47 -10.52
CA GLY A 236 -25.27 -1.08 -11.56
C GLY A 236 -25.16 -2.17 -12.61
N GLY A 237 -24.81 -1.78 -13.83
CA GLY A 237 -24.68 -2.76 -14.89
C GLY A 237 -23.24 -2.99 -15.30
N HIS A 238 -22.34 -2.20 -14.69
CA HIS A 238 -20.91 -2.27 -14.98
C HIS A 238 -20.27 -3.56 -14.49
N GLY A 239 -19.36 -4.11 -15.27
CA GLY A 239 -18.70 -5.33 -14.88
C GLY A 239 -17.44 -5.04 -14.08
N LEU A 240 -16.58 -6.05 -13.95
CA LEU A 240 -15.33 -5.91 -13.21
C LEU A 240 -14.16 -6.38 -14.07
N VAL A 241 -13.07 -5.62 -14.06
CA VAL A 241 -11.89 -5.98 -14.84
C VAL A 241 -10.68 -6.14 -13.92
N SER A 242 -9.95 -7.25 -14.10
CA SER A 242 -8.77 -7.51 -13.28
C SER A 242 -7.52 -7.28 -14.09
N GLN A 243 -6.37 -7.20 -13.42
CA GLN A 243 -5.13 -7.02 -14.12
C GLN A 243 -4.46 -8.38 -14.23
N PRO A 244 -3.66 -8.58 -15.28
CA PRO A 244 -2.97 -9.86 -15.49
C PRO A 244 -2.07 -10.25 -14.32
N GLY A 245 -1.65 -9.27 -13.52
CA GLY A 245 -0.77 -9.57 -12.40
C GLY A 245 -1.40 -9.59 -11.02
N LEU A 246 -2.67 -9.20 -10.91
CA LEU A 246 -3.34 -9.21 -9.61
C LEU A 246 -3.96 -10.58 -9.33
N GLY A 247 -5.14 -10.86 -9.88
CA GLY A 247 -5.76 -12.17 -9.65
C GLY A 247 -6.01 -12.55 -8.19
N TRP A 248 -6.59 -13.73 -7.96
CA TRP A 248 -6.89 -14.17 -6.58
C TRP A 248 -5.67 -14.62 -5.77
N ARG A 249 -5.66 -14.24 -4.49
CA ARG A 249 -4.56 -14.61 -3.62
C ARG A 249 -4.85 -14.31 -2.15
N ASN A 250 -3.95 -14.73 -1.27
CA ASN A 250 -4.11 -14.49 0.16
C ASN A 250 -3.20 -13.32 0.52
N PHE A 251 -3.68 -12.43 1.38
CA PHE A 251 -2.84 -11.30 1.73
C PHE A 251 -1.63 -11.72 2.55
N MSE A 252 -0.45 -11.33 2.07
CA MSE A 252 0.79 -11.66 2.76
C MSE A 252 1.27 -10.51 3.62
O MSE A 252 1.59 -9.43 3.11
CB MSE A 252 1.88 -12.01 1.74
CG MSE A 252 1.48 -13.10 0.76
SE MSE A 252 2.74 -13.37 -0.71
CE MSE A 252 2.01 -12.08 -1.98
N THR A 253 1.30 -10.72 4.93
CA THR A 253 1.78 -9.69 5.82
C THR A 253 3.26 -9.96 6.08
N LEU A 254 4.13 -9.11 5.53
CA LEU A 254 5.56 -9.25 5.72
C LEU A 254 5.96 -8.44 6.93
N SER A 255 6.40 -9.14 7.97
CA SER A 255 6.79 -8.48 9.19
C SER A 255 8.28 -8.64 9.46
N HIS A 256 8.81 -7.78 10.34
CA HIS A 256 10.22 -7.77 10.72
C HIS A 256 10.35 -7.29 12.17
N ASP A 257 11.45 -7.67 12.82
CA ASP A 257 11.70 -7.24 14.19
C ASP A 257 13.07 -6.56 14.18
N ARG A 258 13.43 -6.06 13.00
CA ARG A 258 14.71 -5.40 12.75
C ARG A 258 14.53 -4.59 11.45
N CYS A 259 15.09 -3.39 11.40
CA CYS A 259 14.96 -2.55 10.21
C CYS A 259 16.13 -2.57 9.24
N HIS A 260 17.32 -2.93 9.71
CA HIS A 260 18.48 -2.96 8.82
C HIS A 260 19.49 -4.05 9.12
N ASP A 261 20.52 -4.11 8.29
CA ASP A 261 21.57 -5.10 8.43
C ASP A 261 22.77 -4.62 7.62
N GLY A 262 23.70 -3.95 8.30
CA GLY A 262 24.88 -3.45 7.62
C GLY A 262 24.48 -2.31 6.70
N LYS A 263 24.84 -2.43 5.42
CA LYS A 263 24.54 -1.43 4.42
C LYS A 263 23.11 -1.56 3.88
N LEU A 264 22.36 -2.54 4.37
CA LEU A 264 21.01 -2.74 3.88
C LEU A 264 19.93 -2.23 4.85
N VAL A 265 18.95 -1.51 4.30
CA VAL A 265 17.84 -0.97 5.10
C VAL A 265 16.50 -1.23 4.39
N LEU A 266 15.51 -1.74 5.13
CA LEU A 266 14.20 -2.02 4.55
C LEU A 266 13.31 -0.79 4.56
N LEU A 267 12.42 -0.71 3.58
CA LEU A 267 11.51 0.42 3.50
C LEU A 267 10.20 -0.01 2.86
N GLY A 268 9.11 0.60 3.28
CA GLY A 268 7.80 0.27 2.72
C GLY A 268 7.32 -1.13 3.00
N ASP A 269 6.49 -1.65 2.10
CA ASP A 269 5.94 -3.00 2.22
C ASP A 269 7.05 -4.01 2.41
N ALA A 270 8.26 -3.69 1.95
CA ALA A 270 9.38 -4.62 2.11
C ALA A 270 9.73 -4.70 3.59
N LEU A 271 9.49 -3.62 4.31
CA LEU A 271 9.78 -3.59 5.73
C LEU A 271 8.57 -4.08 6.51
N GLN A 272 7.39 -3.64 6.11
CA GLN A 272 6.19 -4.07 6.80
C GLN A 272 4.95 -3.81 5.96
N SER A 273 4.19 -4.86 5.70
CA SER A 273 3.00 -4.72 4.91
C SER A 273 1.82 -4.94 5.84
N GLY A 274 0.69 -4.32 5.52
CA GLY A 274 -0.48 -4.49 6.37
C GLY A 274 -1.75 -4.58 5.56
N HIS A 275 -2.67 -5.43 6.01
CA HIS A 275 -3.92 -5.58 5.29
C HIS A 275 -4.49 -4.25 4.82
N PHE A 276 -4.95 -4.25 3.57
CA PHE A 276 -5.52 -3.07 2.92
C PHE A 276 -6.79 -2.54 3.57
N SER A 277 -7.36 -3.31 4.50
CA SER A 277 -8.59 -2.90 5.18
C SER A 277 -8.45 -1.66 6.08
N ILE A 278 -7.26 -1.05 6.09
CA ILE A 278 -7.04 0.20 6.85
C ILE A 278 -6.37 1.28 5.99
N GLY A 279 -6.14 0.99 4.71
CA GLY A 279 -5.54 1.95 3.80
C GLY A 279 -4.40 2.83 4.30
N HIS A 280 -3.31 2.22 4.73
CA HIS A 280 -2.18 2.98 5.23
C HIS A 280 -0.84 2.60 4.61
N GLY A 281 -0.86 1.62 3.71
CA GLY A 281 0.37 1.17 3.08
C GLY A 281 1.23 2.26 2.45
N THR A 282 0.62 3.15 1.68
CA THR A 282 1.40 4.19 1.03
C THR A 282 1.78 5.28 2.01
N THR A 283 0.90 5.53 2.97
CA THR A 283 1.15 6.53 4.00
C THR A 283 2.35 6.02 4.79
N MSE A 284 2.33 4.74 5.17
CA MSE A 284 3.44 4.15 5.92
C MSE A 284 4.74 4.28 5.13
O MSE A 284 5.78 4.61 5.68
CB MSE A 284 3.16 2.67 6.22
CG MSE A 284 2.25 2.45 7.43
SE MSE A 284 2.98 3.22 9.05
CE MSE A 284 4.50 2.04 9.32
N ALA A 285 4.66 4.00 3.83
CA ALA A 285 5.82 4.10 2.96
C ALA A 285 6.43 5.51 3.08
N VAL A 286 5.57 6.51 2.93
CA VAL A 286 5.95 7.92 2.99
C VAL A 286 6.53 8.34 4.36
N VAL A 287 5.82 8.09 5.45
CA VAL A 287 6.31 8.47 6.77
C VAL A 287 7.66 7.82 7.06
N VAL A 288 7.73 6.51 6.97
CA VAL A 288 8.97 5.80 7.22
C VAL A 288 10.11 6.29 6.31
N ALA A 289 9.81 6.60 5.04
CA ALA A 289 10.85 7.10 4.14
C ALA A 289 11.43 8.39 4.70
N GLN A 290 10.56 9.24 5.24
CA GLN A 290 11.03 10.50 5.79
C GLN A 290 11.90 10.27 7.01
N LEU A 291 11.61 9.22 7.77
CA LEU A 291 12.41 8.91 8.95
C LEU A 291 13.83 8.59 8.53
N LEU A 292 13.97 7.87 7.43
CA LEU A 292 15.31 7.49 6.96
C LEU A 292 16.03 8.71 6.43
N VAL A 293 15.30 9.63 5.82
CA VAL A 293 15.95 10.82 5.29
C VAL A 293 16.44 11.72 6.41
N LYS A 294 15.63 11.92 7.43
CA LYS A 294 16.07 12.78 8.50
C LYS A 294 17.33 12.22 9.13
N ALA A 295 17.30 10.93 9.46
CA ALA A 295 18.43 10.24 10.08
C ALA A 295 19.69 10.36 9.26
N LEU A 296 19.54 10.40 7.94
CA LEU A 296 20.68 10.51 7.06
C LEU A 296 21.20 11.93 6.98
N CYS A 297 20.34 12.90 7.27
CA CYS A 297 20.71 14.32 7.23
C CYS A 297 21.17 14.85 8.57
N THR A 298 21.01 14.06 9.60
CA THR A 298 21.39 14.49 10.93
C THR A 298 22.52 13.69 11.55
N GLU A 299 22.62 12.41 11.20
CA GLU A 299 23.68 11.59 11.75
C GLU A 299 24.92 11.64 10.90
N ASP A 300 26.07 11.43 11.54
CA ASP A 300 27.36 11.48 10.86
C ASP A 300 27.53 10.44 9.77
N GLY A 301 27.52 9.16 10.14
CA GLY A 301 27.68 8.13 9.13
C GLY A 301 26.43 7.32 8.91
N VAL A 302 26.49 6.39 7.96
CA VAL A 302 25.36 5.54 7.64
C VAL A 302 24.99 4.71 8.88
N PRO A 303 25.95 3.95 9.43
CA PRO A 303 25.65 3.14 10.63
C PRO A 303 24.97 3.97 11.71
N ALA A 304 25.46 5.20 11.91
CA ALA A 304 24.90 6.10 12.90
C ALA A 304 23.49 6.52 12.52
N ALA A 305 23.26 6.70 11.23
CA ALA A 305 21.94 7.10 10.76
C ALA A 305 20.92 5.96 10.87
N LEU A 306 21.34 4.75 10.47
CA LEU A 306 20.47 3.58 10.54
C LEU A 306 20.00 3.36 11.96
N LYS A 307 20.96 3.42 12.89
CA LYS A 307 20.68 3.24 14.31
C LYS A 307 19.60 4.19 14.80
N ARG A 308 19.73 5.46 14.42
CA ARG A 308 18.77 6.47 14.84
C ARG A 308 17.45 6.29 14.12
N PHE A 309 17.53 5.77 12.90
CA PHE A 309 16.34 5.50 12.10
C PHE A 309 15.54 4.43 12.84
N GLU A 310 16.22 3.33 13.15
CA GLU A 310 15.65 2.17 13.85
C GLU A 310 14.74 2.58 15.01
N GLU A 311 15.28 3.48 15.84
CA GLU A 311 14.59 4.01 17.01
C GLU A 311 13.12 4.42 16.76
N ARG A 312 12.85 5.18 15.70
CA ARG A 312 11.46 5.59 15.48
C ARG A 312 10.68 4.79 14.46
N ALA A 313 11.40 4.12 13.57
CA ALA A 313 10.75 3.31 12.55
C ALA A 313 10.02 2.13 13.17
N LEU A 314 10.75 1.21 13.81
CA LEU A 314 10.16 0.03 14.43
C LEU A 314 8.90 0.28 15.25
N PRO A 315 8.95 1.22 16.20
CA PRO A 315 7.77 1.50 17.03
C PRO A 315 6.57 1.85 16.15
N LEU A 316 6.86 2.43 14.99
CA LEU A 316 5.80 2.82 14.08
C LEU A 316 5.31 1.63 13.26
N VAL A 317 6.23 0.79 12.78
CA VAL A 317 5.79 -0.34 11.97
C VAL A 317 5.02 -1.39 12.78
N GLN A 318 5.37 -1.54 14.06
CA GLN A 318 4.70 -2.50 14.92
C GLN A 318 3.25 -2.07 15.14
N LEU A 319 3.05 -0.77 15.32
CA LEU A 319 1.72 -0.22 15.53
C LEU A 319 0.89 -0.44 14.27
N PHE A 320 1.51 -0.19 13.11
CA PHE A 320 0.82 -0.37 11.85
C PHE A 320 0.49 -1.86 11.76
N ARG A 321 1.44 -2.71 12.11
CA ARG A 321 1.18 -4.14 12.07
C ARG A 321 0.02 -4.50 13.01
N GLY A 322 0.03 -3.91 14.20
CA GLY A 322 -1.02 -4.19 15.17
C GLY A 322 -2.41 -3.88 14.65
N HIS A 323 -2.56 -2.74 14.01
CA HIS A 323 -3.84 -2.34 13.46
C HIS A 323 -4.22 -3.21 12.27
N ALA A 324 -3.23 -3.52 11.44
CA ALA A 324 -3.48 -4.32 10.26
C ALA A 324 -4.02 -5.71 10.62
N ASP A 325 -3.46 -6.31 11.67
CA ASP A 325 -3.92 -7.63 12.09
C ASP A 325 -5.33 -7.59 12.66
N ASN A 326 -5.63 -6.61 13.51
CA ASN A 326 -6.97 -6.52 14.08
C ASN A 326 -8.02 -6.34 13.00
N SER A 327 -7.76 -5.45 12.06
CA SER A 327 -8.74 -5.24 11.00
C SER A 327 -8.84 -6.50 10.14
N ARG A 328 -7.71 -7.03 9.72
CA ARG A 328 -7.71 -8.24 8.88
C ARG A 328 -8.50 -9.38 9.55
N VAL A 329 -8.17 -9.67 10.80
CA VAL A 329 -8.85 -10.74 11.51
C VAL A 329 -10.33 -10.47 11.53
N TRP A 330 -10.70 -9.27 11.92
CA TRP A 330 -12.11 -8.91 11.96
C TRP A 330 -12.80 -9.29 10.66
N PHE A 331 -12.20 -8.94 9.51
CA PHE A 331 -12.81 -9.25 8.22
C PHE A 331 -12.87 -10.74 7.89
N GLU A 332 -11.87 -11.48 8.37
CA GLU A 332 -11.79 -12.91 8.16
C GLU A 332 -12.86 -13.64 8.97
N THR A 333 -13.33 -13.01 10.05
CA THR A 333 -14.33 -13.62 10.92
C THR A 333 -15.72 -12.97 10.92
N VAL A 334 -16.18 -12.54 9.76
CA VAL A 334 -17.49 -11.91 9.64
C VAL A 334 -18.63 -12.93 9.68
N GLU A 335 -18.46 -14.05 8.99
CA GLU A 335 -19.48 -15.10 8.93
C GLU A 335 -19.99 -15.43 10.32
N GLU A 336 -19.09 -15.47 11.28
CA GLU A 336 -19.48 -15.77 12.65
C GLU A 336 -19.72 -14.47 13.43
N ARG A 337 -20.77 -13.77 13.02
CA ARG A 337 -21.17 -12.51 13.64
C ARG A 337 -22.66 -12.28 13.43
N GLU A 344 -26.62 -2.80 15.16
CA GLU A 344 -25.43 -2.29 15.85
C GLU A 344 -24.18 -2.92 15.25
N PHE A 345 -24.37 -3.62 14.14
CA PHE A 345 -23.26 -4.28 13.45
C PHE A 345 -22.16 -3.28 13.08
N VAL A 346 -22.53 -2.00 13.04
CA VAL A 346 -21.62 -0.92 12.71
C VAL A 346 -20.84 -0.48 13.94
N GLN A 347 -20.86 -1.30 14.99
CA GLN A 347 -20.14 -0.95 16.20
C GLN A 347 -18.83 -1.71 16.26
N SER A 348 -18.89 -3.01 15.99
CA SER A 348 -17.70 -3.83 16.01
C SER A 348 -16.69 -3.26 15.02
N PHE A 349 -17.09 -3.17 13.76
CA PHE A 349 -16.20 -2.65 12.73
C PHE A 349 -15.47 -1.39 13.18
N ASP A 350 -16.13 -0.56 13.96
CA ASP A 350 -15.52 0.69 14.45
C ASP A 350 -14.43 0.47 15.49
N ALA A 351 -14.69 -0.39 16.46
CA ALA A 351 -13.71 -0.64 17.51
C ALA A 351 -12.91 -1.92 17.25
N ARG A 352 -12.80 -2.31 15.98
CA ARG A 352 -12.07 -3.52 15.60
C ARG A 352 -10.57 -3.37 15.80
N ARG A 353 -10.10 -2.13 15.88
CA ARG A 353 -8.69 -1.84 16.08
C ARG A 353 -8.33 -1.85 17.57
N LYS A 354 -9.20 -2.47 18.37
CA LYS A 354 -9.00 -2.62 19.81
C LYS A 354 -8.54 -1.38 20.60
N SER A 355 -7.66 -1.59 21.58
CA SER A 355 -7.15 -0.49 22.41
C SER A 355 -5.77 -0.01 21.98
N LEU A 356 -5.55 0.03 20.66
CA LEU A 356 -4.29 0.48 20.10
C LEU A 356 -4.30 1.98 19.82
N PRO A 357 -3.17 2.65 20.04
CA PRO A 357 -3.12 4.09 19.78
C PRO A 357 -3.37 4.43 18.31
N PRO A 358 -4.21 5.43 18.05
CA PRO A 358 -4.56 5.86 16.69
C PRO A 358 -3.36 6.08 15.77
N MSE A 359 -3.57 5.78 14.50
CA MSE A 359 -2.55 5.93 13.46
C MSE A 359 -2.29 7.40 13.12
O MSE A 359 -1.14 7.84 13.11
CB MSE A 359 -2.96 5.18 12.19
CG MSE A 359 -2.80 3.67 12.28
SE MSE A 359 -0.94 3.13 12.34
CE MSE A 359 -0.40 3.75 10.58
N PRO A 360 -3.35 8.17 12.82
CA PRO A 360 -3.18 9.58 12.47
C PRO A 360 -2.43 10.38 13.52
N GLU A 361 -2.41 9.89 14.74
CA GLU A 361 -1.70 10.57 15.82
C GLU A 361 -0.22 10.17 15.80
N ALA A 362 0.07 8.90 15.53
CA ALA A 362 1.44 8.41 15.49
C ALA A 362 2.21 8.90 14.24
N LEU A 363 1.53 8.93 13.10
CA LEU A 363 2.14 9.38 11.86
C LEU A 363 2.58 10.84 12.01
N ALA A 364 1.69 11.66 12.55
CA ALA A 364 1.97 13.07 12.75
C ALA A 364 3.19 13.25 13.64
N GLN A 365 3.23 12.49 14.73
CA GLN A 365 4.34 12.55 15.69
C GLN A 365 5.69 12.41 15.02
N ASN A 366 5.82 11.42 14.14
CA ASN A 366 7.07 11.19 13.41
C ASN A 366 7.24 12.18 12.27
N LEU A 367 6.12 12.58 11.66
CA LEU A 367 6.15 13.56 10.56
C LEU A 367 6.75 14.88 11.07
N ARG A 368 6.25 15.41 12.19
CA ARG A 368 6.80 16.66 12.70
C ARG A 368 8.27 16.49 13.07
N TYR A 369 8.67 15.25 13.30
CA TYR A 369 10.05 14.97 13.67
C TYR A 369 10.99 14.87 12.48
N ALA A 370 10.61 14.08 11.48
CA ALA A 370 11.44 13.89 10.30
C ALA A 370 11.47 15.13 9.40
N LEU A 371 10.40 15.91 9.45
CA LEU A 371 10.28 17.10 8.62
C LEU A 371 10.56 18.40 9.37
PA FAD B . 5.54 -1.64 -4.34
O1A FAD B . 4.51 -0.84 -5.03
O2A FAD B . 5.32 -3.12 -4.31
O5B FAD B . 6.91 -1.37 -5.13
C5B FAD B . 7.92 -2.38 -5.19
C4B FAD B . 8.74 -2.13 -6.40
O4B FAD B . 9.84 -3.03 -6.51
C3B FAD B . 7.93 -2.22 -7.67
O3B FAD B . 8.27 -1.21 -8.60
C2B FAD B . 8.41 -3.53 -8.22
O2B FAD B . 8.27 -3.47 -9.62
C1B FAD B . 9.84 -3.54 -7.84
N9A FAD B . 10.44 -4.88 -7.68
C8A FAD B . 9.90 -5.75 -6.85
N7A FAD B . 10.82 -6.81 -6.62
C5A FAD B . 11.87 -6.28 -7.11
C6A FAD B . 13.12 -6.84 -7.03
N6A FAD B . 13.37 -7.85 -6.36
N1A FAD B . 14.18 -6.12 -7.38
C2A FAD B . 14.15 -5.12 -8.08
N3A FAD B . 12.94 -4.39 -8.26
C4A FAD B . 11.83 -5.07 -7.71
N1 FAD B . -2.30 1.25 -0.14
C2 FAD B . -2.86 2.42 0.30
O2 FAD B . -2.15 3.33 0.70
N3 FAD B . -4.21 2.54 0.01
C4 FAD B . -5.01 1.62 -0.70
O4 FAD B . -6.14 1.97 -1.07
C4X FAD B . -4.32 0.37 -0.94
N5 FAD B . -5.11 -0.61 -1.46
C5X FAD B . -4.55 -1.84 -1.61
C6 FAD B . -5.36 -2.82 -2.07
C7 FAD B . -4.84 -4.09 -2.34
C7M FAD B . -5.77 -5.21 -2.65
C8 FAD B . -3.43 -4.27 -2.22
C8M FAD B . -2.75 -5.53 -2.31
C9 FAD B . -2.66 -3.24 -1.76
C9A FAD B . -3.17 -2.03 -1.52
N10 FAD B . -2.36 -1.04 -1.01
C10 FAD B . -2.95 0.15 -0.70
C1' FAD B . -1.21 -1.22 -0.62
C2' FAD B . 0.06 -1.25 -1.38
O2' FAD B . -0.18 -0.50 -2.53
C3' FAD B . 1.45 -1.07 -0.72
O3' FAD B . 1.45 -0.61 0.63
C4' FAD B . 2.47 -0.37 -1.58
O4' FAD B . 2.01 0.87 -2.05
C5' FAD B . 3.80 -0.17 -0.89
O5' FAD B . 4.67 0.64 -1.66
P FAD B . 6.09 0.16 -2.08
O1P FAD B . 6.69 1.13 -3.02
O2P FAD B . 6.78 -0.13 -0.81
O3P FAD B . 5.79 -1.17 -2.85
#